data_3OBF
#
_entry.id   3OBF
#
_cell.length_a   66.044
_cell.length_b   66.978
_cell.length_c   70.622
_cell.angle_alpha   90.000
_cell.angle_beta   90.000
_cell.angle_gamma   90.000
#
_symmetry.space_group_name_H-M   'P 21 21 21'
#
loop_
_entity.id
_entity.type
_entity.pdbx_description
1 polymer 'Putative transcriptional regulator, IclR family'
2 water water
#
_entity_poly.entity_id   1
_entity_poly.type   'polypeptide(L)'
_entity_poly.pdbx_seq_one_letter_code
;SNAEERRVAYPVLRELTERTGETSAL(MSE)VWNGNES(MSE)CVEQIPSRHQVKHLAPLGARYNEALSSSVQVFLASEN
EDRVRQLLRSGSITLTGVDEDAVEAYLLRLKES(MSE)ERGWAVNFGETSIEEVGVASPVYDHRGN(MSE)VASVLIPAP
KFRVSQDTLNSLGEACAAAAAKVTTRLGGRAP
;
_entity_poly.pdbx_strand_id   A,B
#
# COMPACT_ATOMS: atom_id res chain seq x y z
N SER A 1 -6.02 -2.38 17.28
N SER A 1 -4.59 -3.67 15.65
CA SER A 1 -5.49 -1.99 15.95
CA SER A 1 -4.13 -3.12 14.34
C SER A 1 -4.41 -0.91 16.11
C SER A 1 -2.91 -2.22 14.49
N ASN A 2 -3.38 -0.98 15.28
N ASN A 2 -3.10 -1.04 15.08
CA ASN A 2 -2.31 0.03 15.25
CA ASN A 2 -2.03 -0.06 15.15
C ASN A 2 -1.71 0.30 16.64
C ASN A 2 -1.62 0.27 16.58
N ALA A 3 -1.43 -0.76 17.39
CA ALA A 3 -1.13 -0.61 18.83
C ALA A 3 0.19 0.06 19.18
N GLU A 4 1.31 -0.43 18.61
CA GLU A 4 2.60 0.21 18.85
C GLU A 4 2.62 1.67 18.37
N GLU A 5 2.01 1.93 17.21
CA GLU A 5 1.94 3.27 16.65
C GLU A 5 1.24 4.20 17.66
N ARG A 6 0.10 3.74 18.17
CA ARG A 6 -0.70 4.53 19.08
C ARG A 6 0.06 4.80 20.38
N ARG A 7 0.75 3.78 20.87
CA ARG A 7 1.49 3.90 22.11
C ARG A 7 2.68 4.88 21.95
N VAL A 8 3.43 4.73 20.88
CA VAL A 8 4.61 5.54 20.70
C VAL A 8 4.20 6.98 20.39
N ALA A 9 3.07 7.15 19.72
CA ALA A 9 2.67 8.47 19.28
C ALA A 9 2.11 9.30 20.39
N TYR A 10 1.42 8.67 21.36
CA TYR A 10 0.70 9.47 22.34
C TYR A 10 1.53 10.60 23.04
N PRO A 11 2.73 10.27 23.61
CA PRO A 11 3.50 11.33 24.28
C PRO A 11 3.95 12.40 23.30
N VAL A 12 4.17 11.99 22.06
CA VAL A 12 4.69 12.90 21.05
C VAL A 12 3.54 13.86 20.62
N LEU A 13 2.32 13.34 20.52
CA LEU A 13 1.16 14.22 20.18
C LEU A 13 0.88 15.19 21.32
N ARG A 14 1.01 14.71 22.56
CA ARG A 14 0.73 15.57 23.73
C ARG A 14 1.72 16.75 23.72
N GLU A 15 3.00 16.44 23.52
CA GLU A 15 4.07 17.42 23.43
C GLU A 15 3.81 18.39 22.26
N LEU A 16 3.32 17.87 21.13
CA LEU A 16 3.12 18.71 19.97
C LEU A 16 2.00 19.75 20.18
N THR A 17 0.92 19.32 20.83
CA THR A 17 -0.18 20.20 21.15
C THR A 17 0.19 21.26 22.21
N GLU A 18 1.05 20.92 23.18
CA GLU A 18 1.51 21.97 24.08
C GLU A 18 2.42 23.01 23.43
N ARG A 19 3.14 22.63 22.36
CA ARG A 19 4.03 23.54 21.63
C ARG A 19 3.30 24.37 20.53
N THR A 20 2.20 23.87 20.00
CA THR A 20 1.54 24.55 18.90
C THR A 20 0.29 25.23 19.39
N GLY A 21 -0.27 24.72 20.48
CA GLY A 21 -1.56 25.18 20.95
C GLY A 21 -2.70 24.66 20.09
N GLU A 22 -2.38 23.74 19.17
CA GLU A 22 -3.41 23.20 18.27
C GLU A 22 -3.61 21.70 18.50
N THR A 23 -4.76 21.19 18.05
CA THR A 23 -5.00 19.73 18.03
C THR A 23 -3.88 18.97 17.27
N SER A 24 -3.44 17.81 17.81
CA SER A 24 -2.51 16.86 17.13
C SER A 24 -3.26 15.54 17.01
N ALA A 25 -3.06 14.82 15.91
CA ALA A 25 -3.79 13.59 15.68
C ALA A 25 -2.93 12.58 14.97
N LEU A 26 -3.13 11.30 15.29
CA LEU A 26 -2.52 10.24 14.58
C LEU A 26 -3.59 9.65 13.64
N VAL A 28 -4.62 6.87 10.49
CA VAL A 28 -4.32 5.65 9.74
C VAL A 28 -5.14 5.58 8.45
N TRP A 29 -4.65 4.78 7.50
CA TRP A 29 -5.20 4.66 6.18
C TRP A 29 -5.86 3.32 6.06
N ASN A 30 -7.10 3.28 5.61
CA ASN A 30 -7.73 1.99 5.26
C ASN A 30 -7.84 1.72 3.75
N GLY A 31 -7.22 2.56 2.95
CA GLY A 31 -7.21 2.37 1.48
C GLY A 31 -8.11 3.30 0.72
N ASN A 32 -9.15 3.81 1.35
CA ASN A 32 -9.93 4.85 0.70
C ASN A 32 -10.31 6.01 1.64
N GLU A 33 -9.76 5.98 2.87
CA GLU A 33 -10.09 6.95 3.92
C GLU A 33 -8.98 7.10 4.93
N SER A 34 -8.80 8.32 5.39
CA SER A 34 -7.90 8.57 6.48
C SER A 34 -8.74 8.65 7.76
N CYS A 36 -8.91 9.19 12.11
CA CYS A 36 -8.26 9.62 13.32
C CYS A 36 -8.37 8.53 14.42
N VAL A 37 -7.23 8.03 14.88
CA VAL A 37 -7.26 6.95 15.88
C VAL A 37 -6.71 7.40 17.25
N GLU A 38 -6.10 8.58 17.30
CA GLU A 38 -5.57 9.13 18.54
C GLU A 38 -5.37 10.63 18.35
N GLN A 39 -5.84 11.42 19.30
CA GLN A 39 -5.72 12.86 19.19
C GLN A 39 -5.68 13.60 20.55
N ILE A 40 -5.08 14.79 20.55
CA ILE A 40 -5.02 15.67 21.71
C ILE A 40 -5.73 16.94 21.28
N PRO A 41 -6.70 17.42 22.06
CA PRO A 41 -7.38 18.64 21.56
C PRO A 41 -6.58 19.94 21.81
N SER A 42 -6.75 20.92 20.91
CA SER A 42 -6.30 22.30 21.10
C SER A 42 -6.73 22.82 22.48
N ARG A 43 -5.88 23.61 23.12
CA ARG A 43 -6.22 24.24 24.43
C ARG A 43 -7.25 25.34 24.21
N HIS A 44 -7.52 25.68 22.96
CA HIS A 44 -8.58 26.62 22.67
C HIS A 44 -9.30 26.28 21.38
N GLN A 45 -9.84 25.07 21.29
CA GLN A 45 -10.61 24.71 20.10
C GLN A 45 -11.97 25.40 20.09
N VAL A 46 -12.42 25.75 18.89
CA VAL A 46 -13.78 26.23 18.76
C VAL A 46 -14.56 25.05 18.23
N LYS A 47 -14.49 24.79 16.93
CA LYS A 47 -14.99 23.53 16.41
C LYS A 47 -13.98 22.42 16.71
N HIS A 48 -14.50 21.25 17.09
CA HIS A 48 -13.70 20.11 17.49
C HIS A 48 -13.17 19.47 16.21
N LEU A 49 -11.89 19.67 15.92
CA LEU A 49 -11.31 19.17 14.67
C LEU A 49 -10.67 17.82 14.92
N ALA A 50 -10.62 16.99 13.86
CA ALA A 50 -10.05 15.64 13.93
C ALA A 50 -10.45 14.89 15.21
N PRO A 51 -11.77 14.81 15.49
CA PRO A 51 -12.16 14.06 16.68
C PRO A 51 -11.92 12.54 16.44
N LEU A 52 -11.70 11.75 17.49
CA LEU A 52 -11.48 10.31 17.34
C LEU A 52 -12.50 9.69 16.38
N GLY A 53 -12.03 8.84 15.46
CA GLY A 53 -12.94 8.14 14.57
C GLY A 53 -13.35 8.91 13.31
N ALA A 54 -13.01 10.20 13.26
CA ALA A 54 -13.32 11.00 12.10
C ALA A 54 -12.61 10.40 10.87
N ARG A 55 -13.32 10.42 9.76
CA ARG A 55 -12.86 9.81 8.52
C ARG A 55 -12.84 10.85 7.41
N TYR A 56 -11.74 10.89 6.67
CA TYR A 56 -11.53 11.91 5.64
C TYR A 56 -11.32 11.25 4.29
N ASN A 57 -12.09 11.66 3.27
CA ASN A 57 -11.85 11.13 1.91
C ASN A 57 -11.77 12.20 0.80
N GLU A 58 -11.48 13.44 1.19
CA GLU A 58 -11.24 14.53 0.24
C GLU A 58 -9.76 14.53 -0.09
N ALA A 59 -9.50 14.56 -1.38
CA ALA A 59 -8.14 14.54 -1.92
C ALA A 59 -7.26 15.61 -1.26
N LEU A 60 -7.84 16.78 -1.03
CA LEU A 60 -7.04 17.93 -0.60
C LEU A 60 -6.76 17.94 0.90
N SER A 61 -7.44 17.04 1.61
N SER A 61 -7.41 17.05 1.65
CA SER A 61 -7.18 16.78 3.03
CA SER A 61 -7.11 16.91 3.08
C SER A 61 -5.71 16.37 3.22
C SER A 61 -5.65 16.48 3.28
N SER A 62 -5.01 17.08 4.09
N SER A 62 -4.97 17.16 4.19
CA SER A 62 -3.57 16.88 4.28
CA SER A 62 -3.52 16.99 4.31
C SER A 62 -3.23 15.42 4.52
C SER A 62 -3.08 15.54 4.52
N SER A 63 -3.96 14.85 5.47
N SER A 63 -3.80 14.82 5.38
CA SER A 63 -3.85 13.46 5.86
CA SER A 63 -3.46 13.42 5.67
C SER A 63 -3.99 12.51 4.66
C SER A 63 -3.90 12.47 4.54
N VAL A 64 -4.94 12.84 3.79
CA VAL A 64 -5.28 12.02 2.64
C VAL A 64 -4.13 12.13 1.62
N GLN A 65 -3.60 13.36 1.44
CA GLN A 65 -2.46 13.58 0.53
C GLN A 65 -1.28 12.70 0.91
N VAL A 66 -0.95 12.71 2.20
CA VAL A 66 0.19 11.94 2.75
C VAL A 66 0.03 10.44 2.40
N PHE A 67 -1.13 9.86 2.71
CA PHE A 67 -1.33 8.47 2.38
C PHE A 67 -1.34 8.16 0.87
N LEU A 68 -1.94 9.02 0.08
CA LEU A 68 -1.94 8.76 -1.36
C LEU A 68 -0.53 8.83 -1.98
N ALA A 69 0.37 9.58 -1.36
CA ALA A 69 1.80 9.54 -1.73
C ALA A 69 2.41 8.15 -1.58
N SER A 70 1.84 7.33 -0.70
CA SER A 70 2.33 5.95 -0.53
C SER A 70 1.75 4.97 -1.54
N GLU A 71 0.71 5.38 -2.27
CA GLU A 71 0.08 4.52 -3.27
C GLU A 71 0.77 4.59 -4.65
N ASN A 72 0.53 3.58 -5.45
CA ASN A 72 0.91 3.60 -6.83
C ASN A 72 0.08 4.70 -7.56
N GLU A 73 0.70 5.41 -8.51
CA GLU A 73 0.03 6.47 -9.29
C GLU A 73 -1.30 6.04 -9.84
N ASP A 74 -1.34 4.85 -10.42
CA ASP A 74 -2.55 4.32 -11.05
C ASP A 74 -3.64 4.06 -10.05
N ARG A 75 -3.28 3.64 -8.86
CA ARG A 75 -4.23 3.50 -7.76
C ARG A 75 -4.79 4.88 -7.36
N VAL A 76 -3.93 5.90 -7.34
CA VAL A 76 -4.42 7.24 -7.06
C VAL A 76 -5.42 7.65 -8.14
N ARG A 77 -5.07 7.40 -9.40
CA ARG A 77 -5.97 7.70 -10.53
C ARG A 77 -7.34 7.01 -10.39
N GLN A 78 -7.30 5.73 -10.06
CA GLN A 78 -8.50 4.96 -9.90
C GLN A 78 -9.38 5.48 -8.75
N LEU A 79 -8.78 5.79 -7.62
CA LEU A 79 -9.49 6.38 -6.48
C LEU A 79 -10.12 7.73 -6.82
N LEU A 80 -9.45 8.55 -7.60
CA LEU A 80 -10.08 9.84 -7.94
C LEU A 80 -11.22 9.68 -8.96
N ARG A 81 -10.99 8.93 -10.05
CA ARG A 81 -12.00 8.77 -11.11
C ARG A 81 -13.19 7.92 -10.65
N SER A 82 -12.99 7.07 -9.65
CA SER A 82 -14.09 6.33 -9.06
C SER A 82 -14.93 7.17 -8.10
N GLY A 83 -14.39 8.29 -7.61
CA GLY A 83 -15.10 9.07 -6.62
C GLY A 83 -14.88 8.57 -5.21
N SER A 84 -14.09 7.53 -5.02
CA SER A 84 -13.78 7.10 -3.63
C SER A 84 -13.10 8.21 -2.86
N ILE A 85 -12.13 8.85 -3.49
CA ILE A 85 -11.50 10.04 -2.93
C ILE A 85 -12.02 11.21 -3.79
N THR A 86 -12.54 12.27 -3.15
CA THR A 86 -13.21 13.34 -3.90
C THR A 86 -12.28 14.50 -4.17
N LEU A 87 -12.42 15.04 -5.39
CA LEU A 87 -11.59 16.15 -5.85
C LEU A 87 -12.39 16.97 -6.86
N THR A 88 -12.32 18.30 -6.75
CA THR A 88 -13.07 19.19 -7.65
C THR A 88 -12.56 19.13 -9.08
N GLY A 89 -13.47 18.83 -10.01
CA GLY A 89 -13.13 18.77 -11.43
C GLY A 89 -11.85 17.98 -11.70
N VAL A 90 -11.91 16.67 -11.52
CA VAL A 90 -10.82 15.80 -11.93
C VAL A 90 -10.81 15.67 -13.47
N ASP A 91 -9.64 15.88 -14.08
CA ASP A 91 -9.39 15.50 -15.47
C ASP A 91 -7.90 15.23 -15.55
N GLU A 92 -7.38 14.92 -16.73
CA GLU A 92 -5.97 14.47 -16.88
C GLU A 92 -5.00 15.41 -16.17
N ASP A 93 -5.17 16.71 -16.40
CA ASP A 93 -4.21 17.66 -15.86
C ASP A 93 -4.46 18.06 -14.40
N ALA A 94 -5.71 18.01 -13.93
CA ALA A 94 -6.01 18.13 -12.49
C ALA A 94 -5.44 16.94 -11.72
N VAL A 95 -5.54 15.76 -12.31
CA VAL A 95 -4.99 14.56 -11.71
C VAL A 95 -3.46 14.67 -11.69
N GLU A 96 -2.88 15.08 -12.81
CA GLU A 96 -1.44 15.24 -12.90
C GLU A 96 -0.90 16.30 -11.92
N ALA A 97 -1.59 17.43 -11.80
CA ALA A 97 -1.19 18.44 -10.82
C ALA A 97 -1.26 17.85 -9.41
N TYR A 98 -2.31 17.07 -9.14
CA TYR A 98 -2.51 16.49 -7.81
C TYR A 98 -1.39 15.51 -7.48
N LEU A 99 -1.00 14.71 -8.47
CA LEU A 99 0.10 13.77 -8.35
C LEU A 99 1.44 14.47 -8.06
N LEU A 100 1.67 15.61 -8.70
CA LEU A 100 2.88 16.42 -8.46
C LEU A 100 2.81 17.00 -7.06
N ARG A 101 1.62 17.44 -6.67
CA ARG A 101 1.39 17.97 -5.32
C ARG A 101 1.75 16.91 -4.26
N LEU A 102 1.49 15.65 -4.56
CA LEU A 102 1.87 14.55 -3.70
C LEU A 102 3.40 14.44 -3.57
N LYS A 103 4.09 14.40 -4.69
CA LYS A 103 5.56 14.31 -4.69
C LYS A 103 6.17 15.50 -3.95
N GLU A 104 5.63 16.69 -4.16
CA GLU A 104 6.16 17.88 -3.49
C GLU A 104 6.02 17.78 -1.98
N SER A 105 4.97 17.12 -1.52
CA SER A 105 4.76 17.02 -0.10
C SER A 105 5.80 16.08 0.53
N GLU A 107 8.87 15.61 -0.61
N GLU A 107 8.85 15.59 -0.63
CA GLU A 107 10.12 16.35 -0.59
CA GLU A 107 10.04 16.40 -0.68
C GLU A 107 10.10 17.51 0.41
C GLU A 107 10.05 17.41 0.47
N ARG A 108 8.93 18.11 0.66
CA ARG A 108 8.84 19.16 1.72
C ARG A 108 8.86 18.54 3.13
N GLY A 109 8.23 17.37 3.28
CA GLY A 109 8.15 16.67 4.55
C GLY A 109 6.78 16.78 5.19
N TRP A 110 5.91 17.58 4.59
CA TRP A 110 4.51 17.68 5.02
C TRP A 110 3.59 18.12 3.88
N ALA A 111 2.34 17.65 3.89
CA ALA A 111 1.32 18.12 2.97
C ALA A 111 0.54 19.23 3.64
N VAL A 112 -0.08 20.04 2.81
CA VAL A 112 -0.74 21.25 3.21
C VAL A 112 -2.19 21.28 2.66
N ASN A 113 -3.13 21.63 3.53
CA ASN A 113 -4.49 21.95 3.12
C ASN A 113 -4.79 23.35 3.66
N PHE A 114 -4.81 24.33 2.80
CA PHE A 114 -4.92 25.72 3.27
C PHE A 114 -6.33 26.23 2.97
N GLY A 115 -7.34 25.84 3.75
CA GLY A 115 -8.75 26.17 3.47
C GLY A 115 -9.29 25.59 2.18
N GLU A 116 -8.71 24.47 1.76
CA GLU A 116 -8.98 23.90 0.45
C GLU A 116 -10.05 22.78 0.42
N THR A 117 -10.44 22.26 1.59
CA THR A 117 -11.60 21.35 1.67
C THR A 117 -12.77 22.04 2.37
N SER A 118 -12.41 23.05 3.17
CA SER A 118 -13.36 23.83 3.95
C SER A 118 -12.69 25.20 4.19
N ILE A 119 -13.37 26.29 3.80
CA ILE A 119 -12.81 27.65 3.88
C ILE A 119 -12.36 28.10 5.28
N GLU A 120 -12.85 27.43 6.32
CA GLU A 120 -12.55 27.78 7.71
C GLU A 120 -11.62 26.77 8.42
N GLU A 121 -11.00 25.85 7.66
CA GLU A 121 -10.07 24.92 8.27
C GLU A 121 -8.79 24.79 7.48
N VAL A 122 -7.70 24.57 8.19
CA VAL A 122 -6.38 24.42 7.62
C VAL A 122 -5.84 23.08 8.13
N GLY A 123 -4.82 22.51 7.47
CA GLY A 123 -4.16 21.32 7.96
C GLY A 123 -2.79 21.07 7.37
N VAL A 124 -1.91 20.51 8.19
CA VAL A 124 -0.68 19.93 7.68
C VAL A 124 -0.58 18.50 8.21
N ALA A 125 0.03 17.61 7.44
CA ALA A 125 0.21 16.23 7.85
C ALA A 125 1.56 15.68 7.34
N SER A 126 2.10 14.73 8.06
CA SER A 126 3.41 14.12 7.75
C SER A 126 3.38 12.59 7.93
N PRO A 127 4.18 11.84 7.14
CA PRO A 127 4.09 10.38 7.19
C PRO A 127 4.93 9.78 8.32
N VAL A 128 4.51 8.63 8.83
CA VAL A 128 5.22 7.89 9.86
C VAL A 128 5.57 6.59 9.18
N TYR A 129 6.81 6.13 9.34
CA TYR A 129 7.26 4.86 8.74
C TYR A 129 7.66 3.82 9.77
N ASP A 130 7.49 2.54 9.42
CA ASP A 130 7.96 1.44 10.27
C ASP A 130 9.36 1.02 9.83
N HIS A 131 9.90 -0.02 10.49
CA HIS A 131 11.28 -0.44 10.28
C HIS A 131 11.51 -1.04 8.87
N ARG A 132 10.46 -1.37 8.16
CA ARG A 132 10.62 -1.83 6.80
C ARG A 132 10.47 -0.68 5.78
N GLY A 133 10.16 0.52 6.25
CA GLY A 133 9.98 1.65 5.35
C GLY A 133 8.57 1.76 4.82
N ASN A 134 7.65 0.95 5.36
CA ASN A 134 6.24 1.07 5.04
C ASN A 134 5.72 2.31 5.72
N VAL A 136 3.05 3.85 7.73
CA VAL A 136 2.07 3.18 8.60
C VAL A 136 1.05 4.09 9.24
N ALA A 137 1.29 5.39 9.18
CA ALA A 137 0.40 6.34 9.82
C ALA A 137 0.81 7.71 9.36
N SER A 138 0.07 8.72 9.76
CA SER A 138 0.57 10.05 9.64
C SER A 138 0.16 10.91 10.81
N VAL A 139 0.95 11.95 11.06
CA VAL A 139 0.57 12.93 12.08
C VAL A 139 -0.12 14.12 11.41
N LEU A 140 -1.25 14.55 11.96
CA LEU A 140 -2.04 15.66 11.45
C LEU A 140 -2.14 16.78 12.49
N ILE A 141 -1.95 18.03 12.03
CA ILE A 141 -2.29 19.20 12.81
C ILE A 141 -3.41 19.91 12.06
N PRO A 142 -4.65 19.76 12.53
CA PRO A 142 -5.72 20.61 11.98
C PRO A 142 -5.87 21.89 12.80
N ALA A 143 -6.29 23.00 12.20
CA ALA A 143 -6.47 24.26 12.91
C ALA A 143 -7.53 25.16 12.21
N PRO A 144 -8.16 26.09 12.96
CA PRO A 144 -9.11 26.97 12.24
C PRO A 144 -8.38 28.01 11.37
N LYS A 145 -8.85 28.20 10.14
CA LYS A 145 -8.19 29.11 9.20
C LYS A 145 -8.04 30.53 9.74
N PHE A 146 -9.04 31.04 10.46
CA PHE A 146 -8.98 32.43 10.92
C PHE A 146 -7.68 32.78 11.67
N ARG A 147 -7.09 31.84 12.41
CA ARG A 147 -5.94 32.19 13.23
C ARG A 147 -4.62 31.73 12.66
N VAL A 148 -4.68 31.14 11.48
CA VAL A 148 -3.49 30.57 10.85
C VAL A 148 -3.30 31.22 9.51
N SER A 149 -2.18 31.93 9.39
CA SER A 149 -1.77 32.53 8.15
C SER A 149 -0.83 31.55 7.48
N GLN A 150 -0.48 31.85 6.22
CA GLN A 150 0.46 31.02 5.48
C GLN A 150 1.76 30.79 6.25
N ASP A 151 2.25 31.81 6.94
CA ASP A 151 3.46 31.70 7.72
C ASP A 151 3.34 30.74 8.91
N THR A 152 2.26 30.90 9.69
CA THR A 152 1.91 30.04 10.84
C THR A 152 1.81 28.60 10.32
N LEU A 153 1.12 28.44 9.18
CA LEU A 153 0.98 27.16 8.48
C LEU A 153 2.33 26.48 8.19
N ASN A 154 3.26 27.22 7.59
CA ASN A 154 4.61 26.68 7.38
C ASN A 154 5.29 26.25 8.65
N SER A 155 5.13 27.03 9.71
CA SER A 155 5.66 26.64 11.00
C SER A 155 4.99 25.40 11.62
N LEU A 156 3.66 25.27 11.48
CA LEU A 156 2.97 24.03 11.89
C LEU A 156 3.49 22.80 11.12
N GLY A 157 3.68 22.98 9.82
CA GLY A 157 4.18 21.90 8.95
C GLY A 157 5.52 21.36 9.42
N GLU A 158 6.43 22.26 9.76
N GLU A 158 6.41 22.27 9.77
CA GLU A 158 7.75 21.86 10.27
CA GLU A 158 7.74 21.95 10.27
C GLU A 158 7.59 21.14 11.60
C GLU A 158 7.65 21.22 11.62
N ALA A 159 6.73 21.67 12.45
CA ALA A 159 6.45 21.03 13.73
C ALA A 159 5.88 19.62 13.51
N CYS A 160 4.97 19.54 12.53
CA CYS A 160 4.31 18.28 12.22
C CYS A 160 5.32 17.26 11.74
N ALA A 161 6.21 17.69 10.86
CA ALA A 161 7.20 16.84 10.28
C ALA A 161 8.17 16.38 11.38
N ALA A 162 8.52 17.29 12.29
CA ALA A 162 9.43 16.93 13.38
C ALA A 162 8.80 15.89 14.28
N ALA A 163 7.52 16.05 14.61
CA ALA A 163 6.78 15.08 15.42
C ALA A 163 6.66 13.73 14.73
N ALA A 164 6.32 13.73 13.44
CA ALA A 164 6.25 12.46 12.70
C ALA A 164 7.60 11.71 12.66
N ALA A 165 8.70 12.48 12.56
CA ALA A 165 10.04 11.90 12.55
C ALA A 165 10.35 11.28 13.91
N LYS A 166 9.81 11.87 14.98
CA LYS A 166 10.02 11.32 16.33
C LYS A 166 9.27 9.98 16.49
N VAL A 167 8.03 9.91 16.00
CA VAL A 167 7.29 8.67 16.05
C VAL A 167 8.00 7.57 15.22
N THR A 168 8.43 7.90 14.00
CA THR A 168 9.15 6.97 13.14
C THR A 168 10.39 6.44 13.86
N THR A 169 11.20 7.36 14.39
CA THR A 169 12.40 7.00 15.13
C THR A 169 12.05 6.04 16.25
N ARG A 170 10.98 6.34 16.98
CA ARG A 170 10.66 5.52 18.13
C ARG A 170 10.11 4.16 17.76
N LEU A 171 9.61 4.01 16.53
CA LEU A 171 9.18 2.72 16.00
C LEU A 171 10.32 1.88 15.44
N GLY A 172 11.55 2.42 15.44
CA GLY A 172 12.64 1.76 14.72
C GLY A 172 12.56 1.92 13.21
N GLY A 173 11.77 2.90 12.77
CA GLY A 173 11.49 3.12 11.37
C GLY A 173 12.53 3.98 10.69
N ARG A 174 12.51 4.01 9.37
CA ARG A 174 13.34 4.93 8.61
C ARG A 174 12.64 5.38 7.33
N ALA A 175 12.66 6.69 7.09
CA ALA A 175 12.04 7.31 5.93
C ALA A 175 12.58 6.75 4.61
N PRO A 176 11.70 6.76 3.58
CA PRO A 176 12.05 6.44 2.18
C PRO A 176 13.55 6.34 1.85
N ALA B 3 -7.15 -11.89 8.06
CA ALA B 3 -8.50 -12.03 8.69
C ALA B 3 -9.30 -13.16 8.00
N GLU B 4 -10.51 -12.85 7.56
CA GLU B 4 -11.38 -13.82 6.92
C GLU B 4 -10.77 -14.52 5.69
N GLU B 5 -9.67 -13.97 5.15
CA GLU B 5 -9.08 -14.38 3.84
C GLU B 5 -8.66 -15.82 3.71
N ARG B 6 -7.88 -16.31 4.67
N ARG B 6 -7.88 -16.31 4.66
CA ARG B 6 -7.45 -17.71 4.67
CA ARG B 6 -7.46 -17.71 4.65
C ARG B 6 -8.67 -18.63 4.57
C ARG B 6 -8.67 -18.63 4.56
N ARG B 7 -9.68 -18.38 5.39
CA ARG B 7 -10.87 -19.24 5.43
C ARG B 7 -11.75 -19.06 4.19
N VAL B 8 -11.90 -17.83 3.73
CA VAL B 8 -12.62 -17.56 2.48
C VAL B 8 -11.89 -18.19 1.28
N ALA B 9 -10.56 -18.06 1.22
CA ALA B 9 -9.75 -18.57 0.09
C ALA B 9 -9.70 -20.11 0.00
N TYR B 10 -9.71 -20.80 1.14
CA TYR B 10 -9.48 -22.26 1.19
C TYR B 10 -10.29 -23.08 0.18
N PRO B 11 -11.63 -22.94 0.15
CA PRO B 11 -12.37 -23.75 -0.83
C PRO B 11 -12.06 -23.39 -2.28
N VAL B 12 -11.70 -22.12 -2.53
CA VAL B 12 -11.36 -21.68 -3.87
C VAL B 12 -10.03 -22.35 -4.31
N LEU B 13 -9.04 -22.34 -3.41
CA LEU B 13 -7.71 -22.93 -3.66
C LEU B 13 -7.83 -24.46 -3.84
N ARG B 14 -8.73 -25.06 -3.07
CA ARG B 14 -9.00 -26.48 -3.15
C ARG B 14 -9.49 -26.82 -4.55
N GLU B 15 -10.52 -26.14 -5.04
CA GLU B 15 -11.02 -26.39 -6.41
C GLU B 15 -9.96 -26.09 -7.48
N LEU B 16 -9.19 -25.04 -7.26
CA LEU B 16 -8.12 -24.64 -8.19
C LEU B 16 -7.10 -25.73 -8.42
N THR B 17 -6.59 -26.27 -7.33
CA THR B 17 -5.66 -27.42 -7.37
C THR B 17 -6.31 -28.67 -7.98
N GLU B 18 -7.57 -28.92 -7.63
CA GLU B 18 -8.33 -30.03 -8.24
C GLU B 18 -8.39 -29.88 -9.77
N ARG B 19 -8.47 -28.64 -10.24
CA ARG B 19 -8.70 -28.41 -11.67
C ARG B 19 -7.39 -28.34 -12.43
N THR B 20 -6.36 -27.80 -11.82
CA THR B 20 -5.09 -27.61 -12.51
C THR B 20 -4.17 -28.78 -12.27
N GLY B 21 -4.43 -29.54 -11.22
CA GLY B 21 -3.47 -30.55 -10.74
C GLY B 21 -2.17 -29.96 -10.23
N GLU B 22 -2.13 -28.64 -10.04
CA GLU B 22 -0.94 -27.99 -9.46
C GLU B 22 -1.22 -27.42 -8.05
N THR B 23 -0.16 -27.12 -7.32
CA THR B 23 -0.27 -26.44 -6.01
C THR B 23 -0.93 -25.06 -6.15
N SER B 24 -1.78 -24.70 -5.18
CA SER B 24 -2.39 -23.36 -5.10
C SER B 24 -2.00 -22.83 -3.74
N ALA B 25 -1.66 -21.55 -3.68
CA ALA B 25 -1.24 -20.97 -2.40
C ALA B 25 -1.80 -19.55 -2.24
N LEU B 26 -2.02 -19.15 -0.99
CA LEU B 26 -2.38 -17.82 -0.66
C LEU B 26 -1.18 -17.13 -0.08
N VAL B 28 0.70 -13.47 1.39
CA VAL B 28 0.55 -12.11 1.91
C VAL B 28 1.90 -11.39 1.92
N TRP B 29 1.84 -10.06 2.04
CA TRP B 29 2.96 -9.13 1.87
C TRP B 29 3.18 -8.29 3.11
N ASN B 30 4.42 -8.14 3.56
CA ASN B 30 4.72 -7.23 4.67
C ASN B 30 5.47 -5.95 4.23
N GLY B 31 5.57 -5.73 2.93
CA GLY B 31 6.33 -4.63 2.40
C GLY B 31 7.72 -5.05 1.95
N ASN B 32 8.25 -6.11 2.52
CA ASN B 32 9.56 -6.65 2.11
C ASN B 32 9.49 -8.00 1.37
N GLU B 33 8.50 -8.81 1.72
CA GLU B 33 8.52 -10.22 1.43
C GLU B 33 7.13 -10.75 1.26
N SER B 34 6.99 -11.66 0.30
CA SER B 34 5.75 -12.36 0.11
C SER B 34 5.84 -13.66 0.93
N CYS B 36 3.77 -17.34 2.25
CA CYS B 36 2.70 -18.31 2.08
C CYS B 36 1.99 -18.56 3.40
N VAL B 37 0.68 -18.31 3.43
CA VAL B 37 -0.11 -18.47 4.65
C VAL B 37 -1.17 -19.54 4.49
N GLU B 38 -1.30 -20.04 3.26
CA GLU B 38 -2.20 -21.16 3.00
C GLU B 38 -1.78 -21.85 1.70
N GLN B 39 -1.81 -23.19 1.69
CA GLN B 39 -1.37 -23.94 0.53
C GLN B 39 -2.14 -25.26 0.36
N ILE B 40 -2.54 -25.56 -0.88
CA ILE B 40 -3.07 -26.86 -1.27
C ILE B 40 -2.07 -27.50 -2.23
N PRO B 41 -1.50 -28.65 -1.85
CA PRO B 41 -0.43 -29.24 -2.68
C PRO B 41 -0.93 -29.89 -3.98
N SER B 42 -0.14 -29.81 -5.03
CA SER B 42 -0.36 -30.60 -6.25
C SER B 42 -0.61 -32.10 -5.94
N ARG B 43 -1.45 -32.72 -6.77
N ARG B 43 -1.43 -32.74 -6.76
CA ARG B 43 -1.63 -34.16 -6.74
CA ARG B 43 -1.61 -34.18 -6.66
C ARG B 43 -0.35 -34.94 -7.12
C ARG B 43 -0.37 -34.98 -7.16
N HIS B 44 0.49 -34.34 -7.94
CA HIS B 44 1.75 -34.97 -8.37
C HIS B 44 2.93 -34.03 -8.27
N GLN B 45 3.33 -33.70 -7.04
CA GLN B 45 4.47 -32.79 -6.87
C GLN B 45 5.81 -33.48 -7.05
N VAL B 46 6.76 -32.72 -7.58
CA VAL B 46 8.14 -33.18 -7.71
C VAL B 46 8.89 -32.55 -6.55
N LYS B 47 9.12 -31.24 -6.63
CA LYS B 47 9.55 -30.48 -5.46
C LYS B 47 8.30 -29.99 -4.73
N HIS B 48 8.48 -29.74 -3.43
CA HIS B 48 7.43 -29.10 -2.64
C HIS B 48 7.56 -27.58 -2.77
N LEU B 49 6.66 -27.02 -3.59
CA LEU B 49 6.71 -25.63 -4.01
C LEU B 49 5.77 -24.84 -3.14
N ALA B 50 6.14 -23.59 -2.89
CA ALA B 50 5.37 -22.69 -1.99
C ALA B 50 4.88 -23.39 -0.73
N PRO B 51 5.78 -24.05 0.02
CA PRO B 51 5.34 -24.65 1.29
C PRO B 51 4.88 -23.53 2.28
N LEU B 52 3.93 -23.87 3.15
CA LEU B 52 3.41 -22.97 4.18
C LEU B 52 4.56 -22.33 4.97
N GLY B 53 4.51 -21.01 5.18
CA GLY B 53 5.56 -20.30 5.95
C GLY B 53 6.76 -19.80 5.15
N ALA B 54 6.96 -20.34 3.96
CA ALA B 54 8.01 -19.86 3.05
C ALA B 54 7.86 -18.37 2.65
N ARG B 55 9.01 -17.71 2.61
CA ARG B 55 9.10 -16.30 2.28
C ARG B 55 9.91 -16.09 1.02
N TYR B 56 9.47 -15.12 0.22
CA TYR B 56 10.03 -14.88 -1.09
C TYR B 56 10.36 -13.39 -1.20
N ASN B 57 11.57 -13.08 -1.64
CA ASN B 57 11.95 -11.68 -1.91
C ASN B 57 12.72 -11.49 -3.25
N GLU B 58 12.67 -12.49 -4.14
CA GLU B 58 13.19 -12.36 -5.51
C GLU B 58 12.22 -11.53 -6.39
N ALA B 59 12.76 -10.50 -7.04
CA ALA B 59 11.97 -9.62 -7.91
C ALA B 59 11.09 -10.40 -8.87
N LEU B 60 11.66 -11.42 -9.51
CA LEU B 60 10.94 -12.17 -10.56
C LEU B 60 9.98 -13.26 -10.08
N SER B 61 10.01 -13.53 -8.78
N SER B 61 9.97 -13.53 -8.78
CA SER B 61 8.99 -14.35 -8.13
CA SER B 61 8.88 -14.30 -8.19
C SER B 61 7.61 -13.82 -8.50
C SER B 61 7.54 -13.65 -8.56
N SER B 62 6.72 -14.73 -8.86
N SER B 62 6.63 -14.45 -9.05
CA SER B 62 5.43 -14.30 -9.34
CA SER B 62 5.37 -13.94 -9.54
C SER B 62 4.69 -13.40 -8.34
C SER B 62 4.50 -13.27 -8.43
N SER B 63 4.52 -13.87 -7.11
N SER B 63 4.54 -13.80 -7.20
CA SER B 63 3.79 -13.10 -6.10
CA SER B 63 3.78 -13.14 -6.12
C SER B 63 4.48 -11.80 -5.75
C SER B 63 4.48 -11.87 -5.61
N VAL B 64 5.80 -11.83 -5.72
CA VAL B 64 6.54 -10.60 -5.41
C VAL B 64 6.15 -9.53 -6.43
N GLN B 65 6.03 -9.90 -7.69
CA GLN B 65 5.63 -8.94 -8.70
C GLN B 65 4.26 -8.38 -8.45
N VAL B 66 3.29 -9.23 -8.13
CA VAL B 66 1.94 -8.79 -7.83
C VAL B 66 1.92 -7.76 -6.73
N PHE B 67 2.67 -8.00 -5.65
CA PHE B 67 2.67 -7.05 -4.54
C PHE B 67 3.41 -5.76 -4.88
N LEU B 68 4.54 -5.87 -5.59
CA LEU B 68 5.30 -4.66 -5.93
C LEU B 68 4.52 -3.76 -6.88
N ALA B 69 3.67 -4.38 -7.71
CA ALA B 69 2.79 -3.64 -8.60
C ALA B 69 1.84 -2.73 -7.79
N SER B 70 1.61 -3.04 -6.50
CA SER B 70 0.69 -2.19 -5.71
C SER B 70 1.42 -1.06 -4.97
N GLU B 71 2.74 -1.10 -5.01
CA GLU B 71 3.59 -0.09 -4.39
C GLU B 71 3.84 1.09 -5.34
N ASN B 72 4.14 2.24 -4.74
CA ASN B 72 4.70 3.38 -5.42
C ASN B 72 6.01 3.00 -6.13
N GLU B 73 6.21 3.53 -7.33
CA GLU B 73 7.37 3.19 -8.13
C GLU B 73 8.68 3.56 -7.46
N ASP B 74 8.72 4.72 -6.82
CA ASP B 74 9.90 5.11 -6.03
C ASP B 74 10.24 4.18 -4.87
N ARG B 75 9.22 3.70 -4.16
CA ARG B 75 9.42 2.62 -3.20
C ARG B 75 9.95 1.30 -3.84
N VAL B 76 9.45 0.92 -5.01
CA VAL B 76 10.00 -0.28 -5.69
C VAL B 76 11.48 -0.06 -6.07
N ARG B 77 11.78 1.12 -6.62
CA ARG B 77 13.18 1.49 -6.95
C ARG B 77 14.12 1.42 -5.75
N GLN B 78 13.71 2.01 -4.64
CA GLN B 78 14.40 1.90 -3.34
C GLN B 78 14.67 0.45 -2.89
N LEU B 79 13.69 -0.43 -3.06
CA LEU B 79 13.81 -1.82 -2.64
C LEU B 79 14.78 -2.61 -3.51
N LEU B 80 14.83 -2.31 -4.80
CA LEU B 80 15.80 -2.93 -5.71
C LEU B 80 17.20 -2.40 -5.46
N ARG B 81 17.34 -1.07 -5.35
CA ARG B 81 18.64 -0.44 -5.06
C ARG B 81 19.26 -0.91 -3.73
N SER B 82 18.47 -0.98 -2.66
CA SER B 82 18.98 -1.49 -1.37
C SER B 82 19.20 -3.01 -1.36
N GLY B 83 18.63 -3.72 -2.33
CA GLY B 83 18.75 -5.17 -2.38
C GLY B 83 17.82 -5.88 -1.42
N SER B 84 16.86 -5.15 -0.86
CA SER B 84 15.79 -5.79 -0.07
C SER B 84 15.04 -6.80 -0.92
N ILE B 85 14.83 -6.45 -2.20
CA ILE B 85 14.25 -7.32 -3.22
C ILE B 85 15.32 -7.63 -4.25
N THR B 86 15.53 -8.92 -4.55
CA THR B 86 16.71 -9.36 -5.33
C THR B 86 16.49 -9.59 -6.83
N LEU B 87 17.51 -9.19 -7.60
CA LEU B 87 17.51 -9.28 -9.06
C LEU B 87 18.95 -9.22 -9.55
N THR B 88 19.62 -10.37 -9.72
CA THR B 88 21.09 -10.35 -10.00
C THR B 88 21.41 -9.63 -11.33
N GLY B 89 22.56 -8.94 -11.37
CA GLY B 89 22.89 -8.06 -12.50
C GLY B 89 21.99 -6.82 -12.71
N VAL B 90 21.03 -6.58 -11.80
CA VAL B 90 20.23 -5.32 -11.71
C VAL B 90 21.04 -4.05 -12.02
N ASP B 91 20.50 -3.24 -12.93
CA ASP B 91 21.02 -1.90 -13.22
C ASP B 91 19.84 -1.01 -13.61
N GLU B 92 20.12 0.22 -14.01
CA GLU B 92 19.07 1.21 -14.28
C GLU B 92 18.04 0.73 -15.31
N ASP B 93 18.54 0.20 -16.42
CA ASP B 93 17.69 -0.38 -17.46
C ASP B 93 16.83 -1.52 -16.94
N ALA B 94 17.43 -2.44 -16.20
CA ALA B 94 16.68 -3.58 -15.67
C ALA B 94 15.54 -3.09 -14.76
N VAL B 95 15.78 -1.98 -14.07
CA VAL B 95 14.79 -1.41 -13.16
C VAL B 95 13.58 -0.84 -13.92
N GLU B 96 13.83 -0.04 -14.96
N GLU B 96 13.84 -0.05 -14.97
CA GLU B 96 12.73 0.55 -15.71
CA GLU B 96 12.75 0.55 -15.74
C GLU B 96 11.88 -0.53 -16.40
C GLU B 96 11.89 -0.53 -16.40
N ALA B 97 12.55 -1.55 -16.96
CA ALA B 97 11.87 -2.70 -17.57
C ALA B 97 11.00 -3.43 -16.57
N TYR B 98 11.54 -3.60 -15.37
CA TYR B 98 10.83 -4.26 -14.28
C TYR B 98 9.54 -3.54 -13.93
N LEU B 99 9.61 -2.21 -13.81
CA LEU B 99 8.43 -1.45 -13.48
C LEU B 99 7.39 -1.64 -14.56
N LEU B 100 7.86 -1.71 -15.81
CA LEU B 100 6.95 -1.83 -16.95
C LEU B 100 6.28 -3.19 -16.91
N ARG B 101 7.06 -4.18 -16.48
CA ARG B 101 6.59 -5.55 -16.25
C ARG B 101 5.51 -5.64 -15.16
N LEU B 102 5.67 -4.88 -14.06
CA LEU B 102 4.64 -4.80 -13.00
C LEU B 102 3.34 -4.23 -13.55
N LYS B 103 3.44 -3.15 -14.34
CA LYS B 103 2.25 -2.55 -14.91
C LYS B 103 1.54 -3.48 -15.86
N GLU B 104 2.32 -4.16 -16.67
CA GLU B 104 1.72 -5.04 -17.65
C GLU B 104 0.96 -6.18 -16.96
N SER B 105 1.45 -6.65 -15.82
CA SER B 105 0.79 -7.75 -15.12
C SER B 105 -0.57 -7.37 -14.59
N GLU B 107 -2.44 -5.32 -16.30
CA GLU B 107 -3.30 -5.38 -17.50
C GLU B 107 -3.69 -6.82 -17.85
N ARG B 108 -2.74 -7.75 -17.68
CA ARG B 108 -2.94 -9.16 -18.01
C ARG B 108 -3.88 -9.79 -17.01
N GLY B 109 -3.78 -9.40 -15.74
CA GLY B 109 -4.58 -9.97 -14.66
C GLY B 109 -3.75 -10.98 -13.89
N TRP B 110 -2.50 -11.20 -14.31
CA TRP B 110 -1.58 -12.06 -13.55
C TRP B 110 -0.14 -11.77 -13.89
N ALA B 111 0.73 -12.05 -12.91
CA ALA B 111 2.15 -11.95 -13.10
C ALA B 111 2.76 -13.33 -13.42
N VAL B 112 3.89 -13.32 -14.12
CA VAL B 112 4.47 -14.50 -14.69
C VAL B 112 5.91 -14.67 -14.21
N ASN B 113 6.27 -15.88 -13.80
CA ASN B 113 7.67 -16.25 -13.61
C ASN B 113 7.88 -17.53 -14.43
N PHE B 114 8.49 -17.41 -15.61
CA PHE B 114 8.55 -18.56 -16.51
C PHE B 114 9.96 -19.10 -16.50
N GLY B 115 10.33 -19.75 -15.40
CA GLY B 115 11.69 -20.25 -15.23
C GLY B 115 12.72 -19.13 -15.04
N GLU B 116 12.28 -18.02 -14.46
CA GLU B 116 13.13 -16.82 -14.38
C GLU B 116 13.84 -16.66 -13.04
N THR B 117 13.29 -17.21 -11.96
CA THR B 117 14.00 -17.24 -10.67
C THR B 117 14.79 -18.52 -10.56
N SER B 118 14.27 -19.59 -11.15
CA SER B 118 14.96 -20.86 -11.32
C SER B 118 14.43 -21.49 -12.60
N ILE B 119 15.32 -21.96 -13.45
CA ILE B 119 14.91 -22.57 -14.71
C ILE B 119 14.00 -23.78 -14.53
N GLU B 120 13.99 -24.37 -13.34
CA GLU B 120 13.17 -25.57 -13.09
C GLU B 120 11.73 -25.26 -12.73
N GLU B 121 11.44 -23.98 -12.49
CA GLU B 121 10.16 -23.61 -11.91
C GLU B 121 9.40 -22.55 -12.66
N VAL B 122 8.08 -22.62 -12.51
CA VAL B 122 7.18 -21.68 -13.10
C VAL B 122 6.27 -21.16 -11.98
N GLY B 123 5.82 -19.90 -12.07
CA GLY B 123 4.78 -19.35 -11.19
C GLY B 123 3.89 -18.35 -11.94
N VAL B 124 2.60 -18.36 -11.62
CA VAL B 124 1.69 -17.29 -12.01
C VAL B 124 1.01 -16.85 -10.73
N ALA B 125 0.69 -15.55 -10.63
CA ALA B 125 0.07 -15.04 -9.41
C ALA B 125 -0.87 -13.90 -9.73
N SER B 126 -1.92 -13.74 -8.93
CA SER B 126 -2.94 -12.71 -9.23
C SER B 126 -3.36 -12.07 -7.91
N PRO B 127 -3.64 -10.75 -7.95
CA PRO B 127 -3.99 -10.06 -6.70
C PRO B 127 -5.41 -10.36 -6.22
N VAL B 128 -5.58 -10.31 -4.89
CA VAL B 128 -6.89 -10.41 -4.28
C VAL B 128 -7.16 -9.06 -3.65
N TYR B 129 -8.38 -8.56 -3.81
CA TYR B 129 -8.73 -7.24 -3.33
C TYR B 129 -9.85 -7.35 -2.28
N ASP B 130 -9.82 -6.43 -1.30
CA ASP B 130 -10.93 -6.29 -0.33
C ASP B 130 -11.99 -5.30 -0.85
N HIS B 131 -13.00 -4.99 -0.02
CA HIS B 131 -14.11 -4.19 -0.51
C HIS B 131 -13.75 -2.72 -0.73
N ARG B 132 -12.59 -2.30 -0.24
CA ARG B 132 -12.15 -0.93 -0.43
C ARG B 132 -11.18 -0.82 -1.60
N GLY B 133 -10.92 -1.96 -2.24
CA GLY B 133 -10.05 -2.01 -3.40
C GLY B 133 -8.58 -2.15 -3.00
N ASN B 134 -8.33 -2.44 -1.72
CA ASN B 134 -6.94 -2.70 -1.28
C ASN B 134 -6.53 -4.07 -1.75
N VAL B 136 -4.94 -7.28 -0.89
CA VAL B 136 -4.73 -7.83 0.45
C VAL B 136 -3.97 -9.13 0.44
N ALA B 137 -3.88 -9.75 -0.74
CA ALA B 137 -3.19 -11.02 -0.86
C ALA B 137 -3.05 -11.36 -2.34
N SER B 138 -2.44 -12.50 -2.61
N SER B 138 -2.46 -12.53 -2.58
CA SER B 138 -2.38 -12.97 -3.98
CA SER B 138 -2.26 -13.01 -3.93
C SER B 138 -2.44 -14.49 -4.04
C SER B 138 -2.52 -14.52 -3.97
N VAL B 139 -3.12 -14.99 -5.07
CA VAL B 139 -3.16 -16.43 -5.33
C VAL B 139 -1.93 -16.74 -6.16
N LEU B 140 -1.20 -17.80 -5.80
CA LEU B 140 -0.02 -18.23 -6.53
C LEU B 140 -0.26 -19.67 -7.01
N ILE B 141 0.08 -19.94 -8.27
CA ILE B 141 0.24 -21.29 -8.75
C ILE B 141 1.72 -21.49 -9.12
N PRO B 142 2.51 -22.17 -8.25
CA PRO B 142 3.87 -22.59 -8.65
C PRO B 142 3.82 -23.98 -9.29
N ALA B 143 4.68 -24.29 -10.26
CA ALA B 143 4.67 -25.62 -10.89
C ALA B 143 6.05 -25.90 -11.45
N PRO B 144 6.41 -27.20 -11.57
CA PRO B 144 7.68 -27.55 -12.20
C PRO B 144 7.64 -27.24 -13.71
N LYS B 145 8.74 -26.72 -14.22
CA LYS B 145 8.71 -26.17 -15.57
C LYS B 145 8.46 -27.26 -16.62
N PHE B 146 8.96 -28.47 -16.35
CA PHE B 146 8.85 -29.57 -17.33
C PHE B 146 7.42 -29.89 -17.79
N ARG B 147 6.39 -29.58 -17.01
CA ARG B 147 5.07 -29.86 -17.50
C ARG B 147 4.30 -28.60 -17.81
N VAL B 148 5.01 -27.48 -17.83
CA VAL B 148 4.36 -26.23 -18.22
C VAL B 148 4.97 -25.65 -19.48
N SER B 149 4.29 -25.78 -20.61
CA SER B 149 4.72 -25.06 -21.79
C SER B 149 4.11 -23.64 -21.74
N GLN B 150 4.51 -22.83 -22.70
CA GLN B 150 3.92 -21.51 -22.90
C GLN B 150 2.38 -21.52 -22.87
N ASP B 151 1.75 -22.40 -23.64
CA ASP B 151 0.27 -22.53 -23.62
C ASP B 151 -0.32 -22.89 -22.24
N THR B 152 0.35 -23.78 -21.52
CA THR B 152 -0.14 -24.24 -20.21
C THR B 152 0.03 -23.10 -19.21
N LEU B 153 1.13 -22.36 -19.37
CA LEU B 153 1.38 -21.15 -18.58
C LEU B 153 0.16 -20.25 -18.63
N ASN B 154 -0.28 -19.99 -19.85
CA ASN B 154 -1.37 -19.07 -20.09
C ASN B 154 -2.67 -19.58 -19.46
N SER B 155 -2.92 -20.88 -19.61
CA SER B 155 -4.10 -21.44 -19.02
C SER B 155 -4.06 -21.43 -17.45
N LEU B 156 -2.86 -21.58 -16.88
CA LEU B 156 -2.69 -21.53 -15.40
C LEU B 156 -2.89 -20.13 -14.95
N GLY B 157 -2.39 -19.20 -15.77
CA GLY B 157 -2.52 -17.78 -15.53
C GLY B 157 -3.98 -17.38 -15.46
N GLU B 158 -4.76 -17.79 -16.45
CA GLU B 158 -6.19 -17.49 -16.48
C GLU B 158 -6.92 -18.15 -15.34
N ALA B 159 -6.56 -19.40 -15.04
CA ALA B 159 -7.18 -20.08 -13.90
C ALA B 159 -6.85 -19.36 -12.57
N CYS B 160 -5.61 -18.91 -12.43
CA CYS B 160 -5.15 -18.20 -11.22
C CYS B 160 -5.94 -16.88 -11.01
N ALA B 161 -6.12 -16.14 -12.10
CA ALA B 161 -6.85 -14.91 -12.09
C ALA B 161 -8.31 -15.10 -11.77
N ALA B 162 -8.93 -16.15 -12.31
CA ALA B 162 -10.32 -16.49 -11.97
C ALA B 162 -10.47 -16.88 -10.50
N ALA B 163 -9.52 -17.64 -9.97
CA ALA B 163 -9.56 -17.99 -8.55
C ALA B 163 -9.42 -16.74 -7.67
N ALA B 164 -8.44 -15.87 -7.98
CA ALA B 164 -8.27 -14.64 -7.20
C ALA B 164 -9.55 -13.78 -7.24
N ALA B 165 -10.23 -13.76 -8.39
CA ALA B 165 -11.48 -12.99 -8.55
C ALA B 165 -12.61 -13.56 -7.69
N LYS B 166 -12.67 -14.90 -7.60
CA LYS B 166 -13.60 -15.61 -6.73
C LYS B 166 -13.34 -15.26 -5.25
N VAL B 167 -12.08 -15.34 -4.83
CA VAL B 167 -11.73 -14.94 -3.48
C VAL B 167 -12.17 -13.48 -3.27
N THR B 168 -11.71 -12.59 -4.15
CA THR B 168 -12.10 -11.16 -4.10
C THR B 168 -13.63 -10.95 -3.95
N THR B 169 -14.40 -11.64 -4.80
CA THR B 169 -15.86 -11.50 -4.74
C THR B 169 -16.39 -11.96 -3.37
N ARG B 170 -15.87 -13.06 -2.86
CA ARG B 170 -16.33 -13.57 -1.58
C ARG B 170 -15.84 -12.74 -0.39
N LEU B 171 -14.97 -11.75 -0.66
CA LEU B 171 -14.55 -10.79 0.36
C LEU B 171 -15.40 -9.53 0.25
N GLY B 172 -16.33 -9.54 -0.69
CA GLY B 172 -17.11 -8.36 -0.97
C GLY B 172 -16.37 -7.33 -1.80
N GLY B 173 -15.17 -7.67 -2.29
CA GLY B 173 -14.39 -6.75 -3.11
C GLY B 173 -14.66 -6.80 -4.59
N ARG B 174 -13.88 -6.03 -5.35
CA ARG B 174 -13.78 -6.16 -6.83
C ARG B 174 -12.46 -5.56 -7.36
N ALA B 175 -12.09 -5.93 -8.60
CA ALA B 175 -10.85 -5.48 -9.30
C ALA B 175 -11.07 -4.27 -10.31
N PRO B 176 -10.48 -4.29 -11.56
CA PRO B 176 -10.30 -3.04 -12.37
C PRO B 176 -11.19 -1.87 -11.99
#